data_6SWM
#
_entry.id   6SWM
#
_cell.length_a   62.789
_cell.length_b   69.586
_cell.length_c   119.191
_cell.angle_alpha   90.000
_cell.angle_beta   90.000
_cell.angle_gamma   90.000
#
_symmetry.space_group_name_H-M   'P 21 21 21'
#
loop_
_entity.id
_entity.type
_entity.pdbx_description
1 polymer 'Carbonic anhydrase 1'
2 non-polymer 'ZINC ION'
3 non-polymer (2~{R})-1-prop-2-enoxy-3-selanyl-propan-2-ol
4 water water
#
_entity_poly.entity_id   1
_entity_poly.type   'polypeptide(L)'
_entity_poly.pdbx_seq_one_letter_code
;MASPDWGYDDKNGPEQWSKLYPIANGNNQSPVDIKTSETKHDTSLKPISVSYNPATAKEIINVGHSFHVNFEDNDNRSVL
KGGPFSDSYRLFQFHFHWGSTNEHGSEHTVDGVKYSAELHVAHWNSAKYSSLAEAASKADGLAVIGVLMKVGEANPKLQK
VLDALQAIKTKGKRAPFTNFDPSTLLPSSLDFWTYPGSLTHPPLYESVTWIICKESISVSSEQLAQFRSLLSNVEGDNAV
PMQHNNRPTQPLKGRTVRASF
;
_entity_poly.pdbx_strand_id   A,B
#
# COMPACT_ATOMS: atom_id res chain seq x y z
N TRP A 6 -20.96 -1.37 -26.92
CA TRP A 6 -20.55 -1.88 -25.59
C TRP A 6 -21.02 -0.94 -24.47
N GLY A 7 -21.59 0.21 -24.87
CA GLY A 7 -22.25 1.18 -24.00
C GLY A 7 -21.88 1.09 -22.51
N TYR A 8 -22.83 1.48 -21.66
CA TYR A 8 -22.58 1.53 -20.24
C TYR A 8 -23.78 0.96 -19.48
N ASP A 9 -24.64 0.22 -20.18
CA ASP A 9 -25.82 -0.41 -19.60
C ASP A 9 -25.40 -1.45 -18.57
N ASP A 10 -25.96 -2.64 -18.73
CA ASP A 10 -25.48 -3.84 -18.09
C ASP A 10 -25.39 -4.94 -19.14
N LYS A 11 -26.24 -4.84 -20.16
CA LYS A 11 -26.24 -5.74 -21.31
C LYS A 11 -24.94 -5.56 -22.08
N ASN A 12 -24.56 -4.29 -22.28
CA ASN A 12 -23.35 -3.93 -22.99
C ASN A 12 -22.28 -3.46 -22.00
N GLY A 13 -22.74 -3.04 -20.81
CA GLY A 13 -22.01 -2.27 -19.81
C GLY A 13 -20.66 -2.86 -19.38
N PRO A 14 -19.92 -2.19 -18.46
CA PRO A 14 -18.48 -2.45 -18.26
C PRO A 14 -18.08 -3.82 -17.70
N GLU A 15 -19.06 -4.54 -17.14
CA GLU A 15 -18.84 -5.90 -16.68
C GLU A 15 -18.68 -6.84 -17.88
N GLN A 16 -19.31 -6.47 -19.00
CA GLN A 16 -19.36 -7.31 -20.20
C GLN A 16 -18.14 -7.03 -21.08
N TRP A 17 -17.24 -6.14 -20.63
CA TRP A 17 -16.14 -5.66 -21.46
C TRP A 17 -15.05 -6.71 -21.58
N SER A 18 -14.97 -7.64 -20.60
CA SER A 18 -13.87 -8.59 -20.51
C SER A 18 -14.08 -9.75 -21.48
N LYS A 19 -15.35 -10.00 -21.84
CA LYS A 19 -15.71 -10.99 -22.84
C LYS A 19 -15.02 -10.64 -24.16
N LEU A 20 -15.41 -9.50 -24.76
CA LEU A 20 -14.94 -9.07 -26.07
C LEU A 20 -13.52 -8.49 -25.99
N TYR A 21 -13.21 -7.75 -24.92
CA TYR A 21 -11.88 -7.16 -24.74
C TYR A 21 -11.24 -7.73 -23.49
N PRO A 22 -10.54 -8.89 -23.59
CA PRO A 22 -9.83 -9.47 -22.45
C PRO A 22 -8.83 -8.56 -21.74
N ILE A 23 -8.58 -7.37 -22.30
CA ILE A 23 -7.59 -6.49 -21.69
C ILE A 23 -8.17 -5.77 -20.47
N ALA A 24 -9.48 -5.95 -20.24
CA ALA A 24 -10.24 -5.30 -19.19
C ALA A 24 -9.80 -5.79 -17.80
N ASN A 25 -9.49 -7.09 -17.70
CA ASN A 25 -8.91 -7.68 -16.51
C ASN A 25 -7.39 -7.74 -16.70
N GLY A 26 -6.84 -6.60 -17.15
CA GLY A 26 -5.43 -6.42 -17.44
C GLY A 26 -4.68 -5.81 -16.26
N ASN A 27 -3.46 -5.34 -16.55
CA ASN A 27 -2.51 -4.99 -15.51
C ASN A 27 -2.30 -3.48 -15.47
N ASN A 28 -2.76 -2.78 -16.53
CA ASN A 28 -2.57 -1.35 -16.62
C ASN A 28 -3.91 -0.71 -16.97
N GLN A 29 -4.93 -1.07 -16.19
CA GLN A 29 -6.27 -0.61 -16.46
C GLN A 29 -6.56 0.67 -15.69
N SER A 30 -7.42 1.49 -16.28
CA SER A 30 -7.80 2.79 -15.75
C SER A 30 -9.33 2.89 -15.76
N PRO A 31 -9.93 3.68 -14.84
CA PRO A 31 -9.16 4.50 -13.90
C PRO A 31 -8.66 3.69 -12.72
N VAL A 32 -8.09 4.41 -11.75
CA VAL A 32 -7.58 3.85 -10.51
C VAL A 32 -8.05 4.71 -9.35
N ASP A 33 -7.87 4.21 -8.12
CA ASP A 33 -7.92 5.05 -6.95
C ASP A 33 -6.51 5.57 -6.68
N ILE A 34 -6.39 6.85 -6.32
CA ILE A 34 -5.10 7.43 -6.01
C ILE A 34 -4.96 7.56 -4.50
N LYS A 35 -4.34 6.55 -3.87
CA LYS A 35 -4.06 6.59 -2.44
C LYS A 35 -2.84 7.49 -2.22
N THR A 36 -3.08 8.70 -1.67
CA THR A 36 -2.06 9.72 -1.51
C THR A 36 -0.98 9.30 -0.51
N SER A 37 -1.37 8.46 0.45
CA SER A 37 -0.44 7.96 1.44
C SER A 37 0.68 7.17 0.75
N GLU A 38 0.30 6.31 -0.20
CA GLU A 38 1.21 5.35 -0.78
C GLU A 38 1.95 5.91 -2.00
N THR A 39 1.64 7.16 -2.39
CA THR A 39 2.13 7.70 -3.64
C THR A 39 3.56 8.21 -3.50
N LYS A 40 4.47 7.59 -4.26
CA LYS A 40 5.87 7.92 -4.24
C LYS A 40 6.10 9.22 -5.00
N HIS A 41 6.31 10.30 -4.23
CA HIS A 41 6.82 11.53 -4.77
C HIS A 41 8.05 11.25 -5.62
N ASP A 42 8.11 11.88 -6.80
CA ASP A 42 9.25 11.77 -7.69
C ASP A 42 9.64 13.16 -8.16
N THR A 43 10.95 13.42 -8.21
CA THR A 43 11.44 14.74 -8.56
C THR A 43 12.18 14.72 -9.90
N SER A 44 12.30 13.53 -10.49
CA SER A 44 12.79 13.42 -11.87
C SER A 44 11.73 13.97 -12.83
N LEU A 45 10.48 14.04 -12.35
CA LEU A 45 9.39 14.63 -13.10
C LEU A 45 9.67 16.10 -13.32
N LYS A 46 9.29 16.59 -14.50
CA LYS A 46 9.30 18.02 -14.81
C LYS A 46 7.86 18.55 -14.70
N PRO A 47 7.64 19.87 -14.83
CA PRO A 47 6.28 20.43 -14.83
C PRO A 47 5.57 20.27 -16.17
N ILE A 48 4.28 19.97 -16.11
CA ILE A 48 3.43 19.80 -17.27
C ILE A 48 3.27 21.15 -17.95
N SER A 49 3.27 21.15 -19.29
CA SER A 49 3.23 22.38 -20.06
C SER A 49 2.37 22.20 -21.32
N VAL A 50 1.17 22.81 -21.30
CA VAL A 50 0.25 22.72 -22.42
C VAL A 50 0.43 23.95 -23.28
N SER A 51 0.60 23.71 -24.58
CA SER A 51 0.67 24.77 -25.57
C SER A 51 -0.30 24.46 -26.71
N TYR A 52 -1.58 24.79 -26.48
CA TYR A 52 -2.66 24.51 -27.41
C TYR A 52 -2.92 25.76 -28.22
N ASN A 53 -3.30 25.55 -29.49
CA ASN A 53 -3.58 26.64 -30.41
C ASN A 53 -5.04 26.52 -30.85
N PRO A 54 -5.88 27.55 -30.61
CA PRO A 54 -7.34 27.40 -30.71
C PRO A 54 -7.90 27.25 -32.13
N ALA A 55 -7.00 27.32 -33.11
CA ALA A 55 -7.33 27.14 -34.52
C ALA A 55 -7.21 25.66 -34.88
N THR A 56 -6.77 24.84 -33.94
CA THR A 56 -6.80 23.40 -34.11
C THR A 56 -8.20 22.85 -33.85
N ALA A 57 -9.07 23.67 -33.23
CA ALA A 57 -10.40 23.20 -32.83
C ALA A 57 -11.25 22.95 -34.09
N LYS A 58 -11.76 21.72 -34.23
CA LYS A 58 -12.47 21.34 -35.46
C LYS A 58 -13.96 21.10 -35.19
N GLU A 59 -14.27 20.00 -34.48
CA GLU A 59 -15.60 19.40 -34.53
C GLU A 59 -16.02 18.95 -33.13
N ILE A 60 -17.34 18.89 -32.94
CA ILE A 60 -17.96 18.25 -31.79
C ILE A 60 -18.93 17.18 -32.32
N ILE A 61 -18.87 15.96 -31.77
CA ILE A 61 -19.63 14.84 -32.30
C ILE A 61 -20.20 14.02 -31.15
N ASN A 62 -21.46 13.58 -31.33
CA ASN A 62 -22.13 12.68 -30.40
C ASN A 62 -21.80 11.25 -30.81
N VAL A 63 -21.17 10.49 -29.89
CA VAL A 63 -20.72 9.15 -30.22
C VAL A 63 -21.49 8.12 -29.41
N GLY A 64 -22.73 8.45 -29.05
CA GLY A 64 -23.66 7.47 -28.52
C GLY A 64 -23.50 7.25 -27.01
N HIS A 65 -22.25 7.12 -26.56
CA HIS A 65 -21.93 6.88 -25.16
C HIS A 65 -21.39 8.14 -24.50
N SER A 66 -20.89 9.05 -25.34
CA SER A 66 -20.26 10.29 -24.92
C SER A 66 -20.31 11.25 -26.10
N PHE A 67 -19.68 12.41 -25.94
CA PHE A 67 -19.50 13.36 -27.03
C PHE A 67 -18.04 13.78 -27.04
N HIS A 68 -17.49 13.98 -28.23
CA HIS A 68 -16.09 14.35 -28.38
C HIS A 68 -15.97 15.79 -28.86
N VAL A 69 -14.82 16.41 -28.59
CA VAL A 69 -14.43 17.64 -29.26
C VAL A 69 -13.07 17.37 -29.91
N ASN A 70 -13.12 17.11 -31.22
CA ASN A 70 -11.96 16.64 -31.96
C ASN A 70 -11.17 17.84 -32.49
N PHE A 71 -9.84 17.71 -32.50
CA PHE A 71 -8.90 18.77 -32.87
C PHE A 71 -8.04 18.32 -34.05
N GLU A 72 -7.43 19.31 -34.72
CA GLU A 72 -6.66 19.06 -35.93
C GLU A 72 -5.30 18.52 -35.53
N ASP A 73 -5.02 17.27 -35.95
CA ASP A 73 -3.83 16.56 -35.49
C ASP A 73 -2.87 16.29 -36.65
N ASN A 74 -2.79 17.23 -37.60
CA ASN A 74 -1.93 17.05 -38.76
C ASN A 74 -0.56 17.68 -38.51
N ASP A 75 -0.43 18.49 -37.45
CA ASP A 75 0.84 19.11 -37.10
C ASP A 75 0.94 19.41 -35.61
N ASN A 76 2.17 19.70 -35.17
CA ASN A 76 2.49 19.97 -33.78
C ASN A 76 2.23 21.43 -33.48
N ARG A 77 0.95 21.81 -33.43
CA ARG A 77 0.52 23.13 -33.03
C ARG A 77 -0.10 23.08 -31.63
N SER A 78 -0.62 21.90 -31.28
CA SER A 78 -1.27 21.65 -30.01
C SER A 78 -0.58 20.49 -29.30
N VAL A 79 0.37 20.83 -28.40
CA VAL A 79 1.26 19.86 -27.80
C VAL A 79 1.17 19.93 -26.27
N LEU A 80 1.35 18.75 -25.65
CA LEU A 80 1.65 18.60 -24.25
C LEU A 80 3.10 18.08 -24.11
N LYS A 81 3.88 18.71 -23.23
CA LYS A 81 5.26 18.32 -22.96
C LYS A 81 5.69 18.81 -21.58
N GLY A 82 6.70 18.12 -21.04
CA GLY A 82 7.02 18.13 -19.62
C GLY A 82 6.67 16.78 -19.00
N GLY A 83 6.03 16.84 -17.83
CA GLY A 83 5.74 15.64 -17.06
C GLY A 83 6.85 14.62 -17.18
N PRO A 84 6.53 13.31 -17.22
CA PRO A 84 7.55 12.29 -17.50
C PRO A 84 8.06 12.38 -18.93
N PHE A 85 7.17 12.78 -19.85
CA PHE A 85 7.36 12.58 -21.28
C PHE A 85 8.59 13.34 -21.78
N SER A 86 9.53 12.58 -22.37
CA SER A 86 10.67 13.16 -23.06
C SER A 86 10.27 13.55 -24.49
N ASP A 87 9.18 12.96 -24.99
CA ASP A 87 8.66 13.27 -26.31
C ASP A 87 7.67 14.44 -26.19
N SER A 88 7.00 14.78 -27.30
CA SER A 88 6.02 15.87 -27.32
C SER A 88 4.75 15.41 -28.00
N TYR A 89 3.71 15.18 -27.20
CA TYR A 89 2.48 14.57 -27.69
C TYR A 89 1.55 15.64 -28.26
N ARG A 90 0.75 15.23 -29.24
CA ARG A 90 -0.11 16.12 -29.99
C ARG A 90 -1.54 15.98 -29.47
N LEU A 91 -2.23 17.12 -29.30
CA LEU A 91 -3.61 17.11 -28.86
C LEU A 91 -4.52 16.72 -30.02
N PHE A 92 -5.56 15.95 -29.71
CA PHE A 92 -6.48 15.51 -30.74
C PHE A 92 -7.94 15.64 -30.29
N GLN A 93 -8.15 15.65 -28.96
CA GLN A 93 -9.50 15.49 -28.43
C GLN A 93 -9.54 15.97 -26.98
N PHE A 94 -10.72 16.48 -26.57
CA PHE A 94 -11.15 16.44 -25.19
C PHE A 94 -12.56 15.89 -25.14
N HIS A 95 -12.94 15.33 -23.99
CA HIS A 95 -14.29 14.83 -23.76
C HIS A 95 -14.53 14.79 -22.26
N PHE A 96 -15.68 14.26 -21.84
CA PHE A 96 -15.99 14.17 -20.42
C PHE A 96 -16.46 12.77 -20.06
N HIS A 97 -16.39 12.45 -18.77
CA HIS A 97 -17.15 11.35 -18.20
C HIS A 97 -18.05 11.90 -17.09
N TRP A 98 -19.24 11.31 -16.92
CA TRP A 98 -20.17 11.76 -15.89
C TRP A 98 -21.00 10.59 -15.36
N GLY A 99 -21.77 10.84 -14.28
CA GLY A 99 -22.54 9.80 -13.61
C GLY A 99 -24.02 10.17 -13.43
N SER A 100 -24.83 9.15 -13.12
CA SER A 100 -26.29 9.22 -13.07
C SER A 100 -26.75 10.30 -12.10
N THR A 101 -26.04 10.40 -10.98
CA THR A 101 -26.25 11.40 -9.94
C THR A 101 -24.94 12.14 -9.66
N ASN A 102 -25.04 13.26 -8.93
CA ASN A 102 -23.91 14.16 -8.71
C ASN A 102 -22.82 13.47 -7.90
N GLU A 103 -23.21 12.51 -7.06
CA GLU A 103 -22.36 11.91 -6.03
C GLU A 103 -21.16 11.22 -6.66
N HIS A 104 -21.38 10.57 -7.81
CA HIS A 104 -20.33 9.92 -8.58
C HIS A 104 -20.26 10.58 -9.95
N GLY A 105 -19.44 10.00 -10.85
CA GLY A 105 -19.38 10.46 -12.22
C GLY A 105 -17.95 10.56 -12.75
N SER A 106 -16.98 10.76 -11.85
CA SER A 106 -15.58 10.81 -12.23
C SER A 106 -14.98 9.40 -12.20
N GLU A 107 -14.01 9.17 -13.09
CA GLU A 107 -13.49 7.83 -13.28
C GLU A 107 -12.37 7.56 -12.27
N HIS A 108 -11.38 8.46 -12.24
CA HIS A 108 -10.39 8.44 -11.18
C HIS A 108 -11.00 8.90 -9.87
N THR A 109 -10.49 8.36 -8.76
CA THR A 109 -10.88 8.74 -7.40
C THR A 109 -9.63 9.03 -6.57
N VAL A 110 -9.68 10.09 -5.76
CA VAL A 110 -8.57 10.39 -4.86
C VAL A 110 -8.99 10.01 -3.45
N ASP A 111 -8.28 9.02 -2.88
CA ASP A 111 -8.52 8.52 -1.53
C ASP A 111 -9.99 8.17 -1.35
N GLY A 112 -10.58 7.53 -2.37
CA GLY A 112 -11.93 7.01 -2.30
C GLY A 112 -13.01 8.02 -2.67
N VAL A 113 -12.62 9.29 -2.86
CA VAL A 113 -13.59 10.35 -3.09
C VAL A 113 -13.94 10.37 -4.56
N LYS A 114 -15.23 10.22 -4.85
CA LYS A 114 -15.73 10.21 -6.22
C LYS A 114 -16.26 11.61 -6.55
N TYR A 115 -16.03 12.04 -7.80
CA TYR A 115 -16.38 13.38 -8.18
C TYR A 115 -17.53 13.36 -9.19
N SER A 116 -18.00 14.55 -9.56
CA SER A 116 -19.16 14.72 -10.42
C SER A 116 -18.89 14.21 -11.84
N ALA A 117 -17.77 14.68 -12.39
CA ALA A 117 -17.38 14.35 -13.75
C ALA A 117 -15.86 14.32 -13.82
N GLU A 118 -15.35 13.99 -14.99
CA GLU A 118 -13.93 14.00 -15.23
C GLU A 118 -13.68 14.46 -16.66
N LEU A 119 -12.73 15.37 -16.80
CA LEU A 119 -12.31 15.85 -18.11
C LEU A 119 -11.08 15.05 -18.54
N HIS A 120 -11.07 14.66 -19.82
CA HIS A 120 -9.92 14.02 -20.44
C HIS A 120 -9.47 14.87 -21.62
N VAL A 121 -8.22 15.35 -21.55
CA VAL A 121 -7.59 16.04 -22.67
C VAL A 121 -6.49 15.15 -23.25
N ALA A 122 -6.79 14.60 -24.43
CA ALA A 122 -6.09 13.44 -24.96
C ALA A 122 -5.04 13.86 -25.98
N HIS A 123 -3.92 13.13 -25.98
CA HIS A 123 -2.77 13.42 -26.82
C HIS A 123 -2.20 12.13 -27.39
N TRP A 124 -1.39 12.26 -28.44
CA TRP A 124 -0.76 11.10 -29.03
C TRP A 124 0.65 11.46 -29.49
N ASN A 125 1.56 10.49 -29.32
CA ASN A 125 3.01 10.66 -29.36
C ASN A 125 3.49 10.86 -30.79
N SER A 126 3.61 12.12 -31.23
CA SER A 126 3.91 12.43 -32.62
C SER A 126 5.42 12.50 -32.87
N ALA A 127 6.21 12.30 -31.82
CA ALA A 127 7.66 12.20 -31.98
C ALA A 127 8.04 10.81 -32.47
N LYS A 128 7.20 9.80 -32.15
CA LYS A 128 7.54 8.41 -32.38
C LYS A 128 6.55 7.74 -33.35
N TYR A 129 5.41 8.38 -33.61
CA TYR A 129 4.36 7.69 -34.38
C TYR A 129 3.76 8.61 -35.44
N SER A 130 3.23 7.99 -36.50
CA SER A 130 2.73 8.68 -37.67
C SER A 130 1.32 9.18 -37.45
N SER A 131 0.44 8.27 -36.99
CA SER A 131 -0.96 8.59 -36.81
C SER A 131 -1.34 8.43 -35.34
N LEU A 132 -2.50 8.98 -35.00
CA LEU A 132 -3.19 8.58 -33.79
C LEU A 132 -3.39 7.07 -33.85
N ALA A 133 -3.92 6.59 -34.97
CA ALA A 133 -4.24 5.18 -35.19
C ALA A 133 -3.05 4.28 -34.87
N GLU A 134 -1.83 4.76 -35.15
CA GLU A 134 -0.63 4.01 -34.82
C GLU A 134 -0.42 4.05 -33.30
N ALA A 135 -0.57 5.24 -32.72
CA ALA A 135 -0.13 5.47 -31.36
C ALA A 135 -1.22 5.04 -30.38
N ALA A 136 -2.43 4.77 -30.88
CA ALA A 136 -3.51 4.35 -30.03
C ALA A 136 -3.12 3.13 -29.20
N SER A 137 -2.44 2.15 -29.82
CA SER A 137 -2.23 0.86 -29.17
C SER A 137 -0.87 0.81 -28.45
N LYS A 138 -0.03 1.82 -28.69
CA LYS A 138 1.37 1.75 -28.30
C LYS A 138 1.52 2.17 -26.83
N ALA A 139 2.36 1.42 -26.11
CA ALA A 139 2.62 1.66 -24.69
C ALA A 139 2.87 3.15 -24.38
N ASP A 140 3.64 3.81 -25.25
CA ASP A 140 4.00 5.21 -25.08
C ASP A 140 3.19 6.04 -26.07
N GLY A 141 1.99 5.55 -26.38
CA GLY A 141 1.14 6.12 -27.40
C GLY A 141 0.44 7.41 -27.00
N LEU A 142 -0.29 7.37 -25.87
CA LEU A 142 -1.25 8.44 -25.53
C LEU A 142 -0.94 9.09 -24.18
N ALA A 143 -1.05 10.42 -24.18
CA ALA A 143 -0.90 11.22 -22.98
C ALA A 143 -2.21 11.95 -22.72
N VAL A 144 -2.90 11.59 -21.63
CA VAL A 144 -4.19 12.22 -21.37
C VAL A 144 -4.11 12.96 -20.04
N ILE A 145 -4.44 14.27 -20.08
CA ILE A 145 -4.63 15.05 -18.86
C ILE A 145 -6.03 14.77 -18.34
N GLY A 146 -6.11 14.44 -17.05
CA GLY A 146 -7.38 14.20 -16.38
C GLY A 146 -7.60 15.26 -15.31
N VAL A 147 -8.73 15.99 -15.43
CA VAL A 147 -9.13 16.95 -14.43
C VAL A 147 -10.35 16.40 -13.71
N LEU A 148 -10.38 16.51 -12.37
CA LEU A 148 -11.52 16.08 -11.58
C LEU A 148 -12.51 17.21 -11.41
N MET A 149 -13.79 16.86 -11.56
CA MET A 149 -14.81 17.87 -11.67
C MET A 149 -15.73 17.77 -10.45
N LYS A 150 -15.69 18.84 -9.64
CA LYS A 150 -16.29 18.88 -8.32
C LYS A 150 -17.55 19.73 -8.37
N VAL A 151 -18.67 19.14 -7.94
CA VAL A 151 -19.97 19.79 -8.01
C VAL A 151 -20.00 20.96 -7.02
N GLY A 152 -20.22 22.16 -7.58
CA GLY A 152 -20.28 23.40 -6.82
C GLY A 152 -20.78 24.53 -7.72
N GLU A 153 -19.95 25.56 -7.88
CA GLU A 153 -20.22 26.71 -8.73
C GLU A 153 -20.26 26.26 -10.19
N ALA A 154 -21.00 27.02 -11.01
CA ALA A 154 -21.09 26.77 -12.44
C ALA A 154 -19.85 27.30 -13.13
N ASN A 155 -19.17 26.44 -13.89
CA ASN A 155 -17.92 26.81 -14.52
C ASN A 155 -18.24 27.61 -15.78
N PRO A 156 -17.81 28.90 -15.85
CA PRO A 156 -18.03 29.73 -17.03
C PRO A 156 -17.13 29.44 -18.22
N LYS A 157 -16.12 28.57 -18.03
CA LYS A 157 -15.24 28.19 -19.13
C LYS A 157 -15.81 26.98 -19.88
N LEU A 158 -16.89 26.41 -19.33
CA LEU A 158 -17.63 25.30 -19.92
C LEU A 158 -18.67 25.84 -20.91
N GLN A 159 -18.75 27.17 -21.03
CA GLN A 159 -19.84 27.78 -21.77
C GLN A 159 -19.92 27.20 -23.17
N LYS A 160 -18.91 27.47 -23.99
CA LYS A 160 -18.94 27.13 -25.41
C LYS A 160 -19.21 25.64 -25.62
N VAL A 161 -18.74 24.80 -24.70
CA VAL A 161 -18.93 23.36 -24.82
C VAL A 161 -20.39 23.03 -24.59
N LEU A 162 -21.00 23.67 -23.60
CA LEU A 162 -22.37 23.34 -23.20
C LEU A 162 -23.37 23.97 -24.17
N ASP A 163 -22.98 25.10 -24.78
CA ASP A 163 -23.84 25.75 -25.77
C ASP A 163 -24.01 24.84 -26.98
N ALA A 164 -22.88 24.39 -27.53
CA ALA A 164 -22.81 23.58 -28.75
C ALA A 164 -23.65 22.30 -28.65
N LEU A 165 -23.85 21.77 -27.42
CA LEU A 165 -24.47 20.48 -27.19
C LEU A 165 -25.86 20.35 -27.82
N GLN A 166 -26.57 21.48 -27.97
CA GLN A 166 -27.94 21.48 -28.44
C GLN A 166 -28.01 21.11 -29.93
N ALA A 167 -26.85 21.15 -30.60
CA ALA A 167 -26.74 20.88 -32.02
C ALA A 167 -26.24 19.46 -32.27
N ILE A 168 -25.94 18.72 -31.19
CA ILE A 168 -25.51 17.34 -31.29
C ILE A 168 -26.34 16.48 -30.34
N LYS A 169 -27.66 16.69 -30.35
CA LYS A 169 -28.55 16.07 -29.39
C LYS A 169 -28.47 14.55 -29.44
N THR A 170 -28.26 13.99 -30.64
CA THR A 170 -28.43 12.56 -30.85
C THR A 170 -27.21 11.93 -31.49
N LYS A 171 -27.14 10.58 -31.43
CA LYS A 171 -25.92 9.84 -31.73
C LYS A 171 -25.56 9.96 -33.20
N GLY A 172 -24.31 10.36 -33.46
CA GLY A 172 -23.82 10.52 -34.82
C GLY A 172 -23.83 11.97 -35.28
N LYS A 173 -24.66 12.82 -34.64
CA LYS A 173 -24.76 14.22 -35.02
C LYS A 173 -23.39 14.90 -34.88
N ARG A 174 -23.00 15.64 -35.93
CA ARG A 174 -21.73 16.32 -36.04
C ARG A 174 -22.01 17.81 -36.13
N ALA A 175 -21.02 18.65 -35.79
CA ALA A 175 -21.09 20.09 -35.96
C ALA A 175 -19.70 20.71 -35.78
N PRO A 176 -19.37 21.79 -36.53
CA PRO A 176 -18.11 22.52 -36.33
C PRO A 176 -18.01 23.19 -34.95
N PHE A 177 -16.90 22.91 -34.26
CA PHE A 177 -16.58 23.54 -32.99
C PHE A 177 -15.17 24.13 -33.11
N THR A 178 -15.09 25.43 -33.37
CA THR A 178 -13.82 26.02 -33.75
C THR A 178 -13.43 27.09 -32.74
N ASN A 179 -12.13 27.42 -32.70
CA ASN A 179 -11.68 28.62 -32.01
C ASN A 179 -11.77 28.42 -30.51
N PHE A 180 -11.07 27.39 -29.99
CA PHE A 180 -11.14 27.06 -28.57
C PHE A 180 -9.84 26.39 -28.12
N ASP A 181 -9.24 26.95 -27.07
CA ASP A 181 -8.11 26.35 -26.38
C ASP A 181 -8.61 25.60 -25.15
N PRO A 182 -8.57 24.24 -25.13
CA PRO A 182 -9.10 23.47 -24.01
C PRO A 182 -8.25 23.54 -22.74
N SER A 183 -7.17 24.33 -22.78
CA SER A 183 -6.36 24.64 -21.61
C SER A 183 -7.15 25.53 -20.66
N THR A 184 -7.93 26.46 -21.22
CA THR A 184 -8.83 27.29 -20.45
C THR A 184 -9.71 26.44 -19.53
N LEU A 185 -9.76 25.13 -19.79
CA LEU A 185 -10.58 24.25 -18.97
C LEU A 185 -9.82 23.82 -17.72
N LEU A 186 -8.48 23.71 -17.86
CA LEU A 186 -7.61 23.13 -16.85
C LEU A 186 -7.66 23.95 -15.55
N PRO A 187 -7.27 23.36 -14.40
CA PRO A 187 -7.15 24.11 -13.15
C PRO A 187 -5.92 25.01 -13.22
N SER A 188 -5.67 25.79 -12.17
CA SER A 188 -4.49 26.64 -12.11
C SER A 188 -3.27 25.85 -11.66
N SER A 189 -3.50 24.80 -10.86
CA SER A 189 -2.37 24.01 -10.41
C SER A 189 -2.27 22.71 -11.21
N LEU A 190 -1.26 22.66 -12.08
CA LEU A 190 -0.93 21.45 -12.82
C LEU A 190 0.07 20.62 -12.00
N ASP A 191 -0.05 20.67 -10.68
CA ASP A 191 0.43 19.59 -9.84
C ASP A 191 -0.35 18.36 -10.25
N PHE A 192 0.36 17.25 -10.49
CA PHE A 192 -0.26 16.11 -11.14
C PHE A 192 0.28 14.79 -10.58
N TRP A 193 -0.59 13.78 -10.57
CA TRP A 193 -0.15 12.40 -10.47
C TRP A 193 0.06 11.89 -11.89
N THR A 194 0.99 10.93 -12.05
CA THR A 194 1.16 10.21 -13.31
C THR A 194 1.32 8.71 -13.04
N TYR A 195 0.65 7.89 -13.85
CA TYR A 195 0.81 6.45 -13.76
C TYR A 195 0.59 5.83 -15.13
N PRO A 196 1.12 4.61 -15.42
CA PRO A 196 0.90 3.96 -16.71
C PRO A 196 -0.49 3.30 -16.76
N GLY A 197 -1.34 3.79 -17.67
CA GLY A 197 -2.75 3.45 -17.62
C GLY A 197 -3.26 2.80 -18.90
N SER A 198 -4.46 3.22 -19.32
CA SER A 198 -5.20 2.68 -20.44
C SER A 198 -6.34 3.64 -20.80
N LEU A 199 -7.05 3.34 -21.90
CA LEU A 199 -8.35 3.97 -22.15
C LEU A 199 -9.29 3.50 -21.05
N THR A 200 -10.44 4.19 -20.89
CA THR A 200 -11.37 3.80 -19.85
C THR A 200 -12.58 3.07 -20.43
N HIS A 201 -12.62 2.98 -21.75
CA HIS A 201 -13.65 2.27 -22.50
C HIS A 201 -12.98 1.47 -23.60
N PRO A 202 -13.64 0.43 -24.16
CA PRO A 202 -13.10 -0.31 -25.31
C PRO A 202 -12.49 0.57 -26.39
N PRO A 203 -11.36 0.18 -27.01
CA PRO A 203 -10.80 -1.17 -26.84
C PRO A 203 -9.85 -1.34 -25.66
N LEU A 204 -9.87 -0.35 -24.76
CA LEU A 204 -9.20 -0.35 -23.45
C LEU A 204 -7.68 -0.55 -23.60
N TYR A 205 -7.10 0.06 -24.65
CA TYR A 205 -5.68 -0.09 -24.98
C TYR A 205 -4.84 0.43 -23.83
N GLU A 206 -3.82 -0.36 -23.47
CA GLU A 206 -2.95 -0.04 -22.33
C GLU A 206 -1.84 0.91 -22.81
N SER A 207 -2.28 2.05 -23.35
CA SER A 207 -1.44 2.92 -24.16
C SER A 207 -1.33 4.32 -23.56
N VAL A 208 -1.86 4.52 -22.34
CA VAL A 208 -2.06 5.85 -21.81
C VAL A 208 -1.16 6.11 -20.61
N THR A 209 -0.44 7.22 -20.68
CA THR A 209 0.28 7.78 -19.54
C THR A 209 -0.64 8.85 -18.93
N TRP A 210 -1.26 8.53 -17.79
CA TRP A 210 -2.21 9.45 -17.17
C TRP A 210 -1.49 10.63 -16.55
N ILE A 211 -2.12 11.81 -16.66
CA ILE A 211 -1.72 12.99 -15.92
C ILE A 211 -2.95 13.47 -15.18
N ILE A 212 -3.06 13.12 -13.90
CA ILE A 212 -4.25 13.47 -13.13
C ILE A 212 -3.95 14.72 -12.33
N CYS A 213 -4.73 15.77 -12.58
CA CYS A 213 -4.47 17.05 -11.94
C CYS A 213 -4.87 17.04 -10.47
N LYS A 214 -4.04 17.71 -9.66
CA LYS A 214 -4.24 17.79 -8.23
C LYS A 214 -5.49 18.61 -7.98
N GLU A 215 -5.49 19.83 -8.51
CA GLU A 215 -6.55 20.80 -8.27
C GLU A 215 -7.78 20.46 -9.12
N SER A 216 -8.96 20.65 -8.54
CA SER A 216 -10.16 20.32 -9.28
C SER A 216 -10.71 21.56 -9.98
N ILE A 217 -11.55 21.33 -11.00
CA ILE A 217 -12.41 22.38 -11.51
C ILE A 217 -13.85 22.09 -11.06
N SER A 218 -14.69 23.13 -11.15
N SER A 218 -14.69 23.13 -11.15
CA SER A 218 -16.06 23.10 -10.64
CA SER A 218 -16.05 23.05 -10.63
C SER A 218 -17.05 22.89 -11.78
C SER A 218 -17.05 22.90 -11.77
N VAL A 219 -18.23 22.35 -11.43
CA VAL A 219 -19.36 22.25 -12.34
C VAL A 219 -20.64 22.23 -11.52
N SER A 220 -21.63 23.04 -11.91
CA SER A 220 -22.91 23.11 -11.21
C SER A 220 -23.69 21.83 -11.49
N SER A 221 -24.76 21.61 -10.73
N SER A 221 -24.78 21.62 -10.75
CA SER A 221 -25.61 20.44 -10.95
CA SER A 221 -25.62 20.45 -10.93
C SER A 221 -26.31 20.53 -12.30
C SER A 221 -26.38 20.53 -12.24
N GLU A 222 -26.56 21.78 -12.74
CA GLU A 222 -27.29 22.08 -13.95
C GLU A 222 -26.38 21.88 -15.16
N GLN A 223 -25.09 22.20 -15.01
CA GLN A 223 -24.12 21.92 -16.06
C GLN A 223 -24.02 20.40 -16.27
N LEU A 224 -24.15 19.61 -15.20
CA LEU A 224 -24.09 18.16 -15.30
C LEU A 224 -25.39 17.63 -15.89
N ALA A 225 -26.48 18.38 -15.68
CA ALA A 225 -27.80 17.97 -16.15
C ALA A 225 -27.87 18.12 -17.67
N GLN A 226 -27.03 19.00 -18.23
CA GLN A 226 -26.91 19.15 -19.68
C GLN A 226 -26.29 17.87 -20.25
N PHE A 227 -25.12 17.51 -19.70
CA PHE A 227 -24.41 16.31 -20.13
C PHE A 227 -25.41 15.15 -20.18
N ARG A 228 -26.31 15.12 -19.20
CA ARG A 228 -27.22 13.99 -19.03
C ARG A 228 -28.35 14.08 -20.06
N SER A 229 -28.71 15.29 -20.48
CA SER A 229 -29.80 15.45 -21.41
C SER A 229 -29.32 15.45 -22.87
N LEU A 230 -28.05 15.03 -23.08
CA LEU A 230 -27.68 14.51 -24.38
C LEU A 230 -28.43 13.19 -24.56
N LEU A 231 -28.56 12.75 -25.82
CA LEU A 231 -29.31 11.53 -26.09
C LEU A 231 -28.43 10.52 -26.82
N SER A 232 -28.55 9.26 -26.38
CA SER A 232 -27.74 8.16 -26.89
C SER A 232 -28.40 7.52 -28.13
N ASN A 233 -29.67 7.88 -28.37
CA ASN A 233 -30.44 7.33 -29.47
C ASN A 233 -30.10 8.09 -30.74
N VAL A 234 -30.51 7.51 -31.89
CA VAL A 234 -30.38 8.16 -33.18
C VAL A 234 -31.64 8.99 -33.44
N GLU A 235 -31.48 10.05 -34.25
CA GLU A 235 -32.56 11.01 -34.40
C GLU A 235 -33.80 10.33 -34.96
N GLY A 236 -34.96 10.65 -34.39
CA GLY A 236 -36.20 9.99 -34.72
C GLY A 236 -36.65 9.06 -33.60
N ASP A 237 -35.69 8.33 -33.01
CA ASP A 237 -35.97 7.30 -32.01
C ASP A 237 -36.38 7.93 -30.68
N ASN A 238 -36.89 7.07 -29.78
CA ASN A 238 -37.38 7.50 -28.48
C ASN A 238 -36.20 7.92 -27.64
N ALA A 239 -36.34 9.09 -27.00
CA ALA A 239 -35.24 9.79 -26.32
C ALA A 239 -34.71 8.97 -25.15
N VAL A 240 -33.51 8.39 -25.35
CA VAL A 240 -32.79 7.58 -24.38
C VAL A 240 -31.58 8.38 -23.88
N PRO A 241 -31.67 9.11 -22.73
CA PRO A 241 -30.56 9.97 -22.29
C PRO A 241 -29.25 9.22 -22.08
N MET A 242 -28.17 10.01 -21.98
CA MET A 242 -26.79 9.57 -21.81
C MET A 242 -26.41 9.83 -20.36
N GLN A 243 -26.83 8.91 -19.48
CA GLN A 243 -26.99 9.22 -18.05
C GLN A 243 -25.65 9.13 -17.32
N HIS A 244 -24.91 8.06 -17.60
CA HIS A 244 -23.57 7.84 -17.06
C HIS A 244 -22.70 7.17 -18.11
N ASN A 245 -21.40 7.46 -18.06
CA ASN A 245 -20.42 6.95 -19.00
C ASN A 245 -19.06 6.87 -18.33
N ASN A 246 -19.06 6.45 -17.06
CA ASN A 246 -17.88 6.48 -16.22
C ASN A 246 -17.61 5.08 -15.66
N ARG A 247 -16.32 4.71 -15.64
CA ARG A 247 -15.89 3.34 -15.35
C ARG A 247 -15.52 3.18 -13.88
N PRO A 248 -15.80 1.99 -13.29
CA PRO A 248 -15.28 1.62 -11.97
C PRO A 248 -13.76 1.74 -11.89
N THR A 249 -13.27 2.10 -10.70
CA THR A 249 -11.84 2.19 -10.44
C THR A 249 -11.21 0.79 -10.39
N GLN A 250 -10.02 0.66 -10.94
CA GLN A 250 -9.48 -0.66 -11.22
C GLN A 250 -8.22 -0.91 -10.41
N PRO A 251 -8.00 -2.17 -9.95
CA PRO A 251 -6.76 -2.59 -9.29
C PRO A 251 -5.50 -1.98 -9.88
N LEU A 252 -4.56 -1.62 -9.02
CA LEU A 252 -3.31 -1.04 -9.46
C LEU A 252 -2.38 -2.13 -9.98
N LYS A 253 -2.55 -3.36 -9.45
CA LYS A 253 -1.68 -4.51 -9.69
C LYS A 253 -0.22 -4.06 -9.61
N GLY A 254 0.06 -3.16 -8.65
CA GLY A 254 1.39 -2.85 -8.14
C GLY A 254 2.16 -1.81 -8.97
N ARG A 255 1.44 -1.07 -9.81
CA ARG A 255 1.99 0.12 -10.46
C ARG A 255 2.14 1.23 -9.43
N THR A 256 3.07 2.16 -9.69
CA THR A 256 3.39 3.17 -8.69
C THR A 256 2.92 4.53 -9.18
N VAL A 257 1.84 5.04 -8.58
CA VAL A 257 1.41 6.40 -8.87
C VAL A 257 2.48 7.36 -8.36
N ARG A 258 2.97 8.21 -9.24
CA ARG A 258 3.98 9.19 -8.88
C ARG A 258 3.31 10.53 -8.64
N ALA A 259 3.65 11.19 -7.53
CA ALA A 259 3.27 12.57 -7.29
C ALA A 259 4.20 13.47 -8.07
N SER A 260 3.81 14.74 -8.25
CA SER A 260 4.73 15.74 -8.73
C SER A 260 4.76 16.91 -7.75
N PHE A 261 4.32 16.62 -6.53
CA PHE A 261 4.17 17.60 -5.47
C PHE A 261 4.51 16.97 -4.12
N TRP B 6 -1.21 -26.32 14.33
CA TRP B 6 -0.53 -25.84 15.57
C TRP B 6 -1.04 -24.47 15.98
N GLY B 7 -1.32 -24.32 17.28
CA GLY B 7 -1.62 -23.04 17.90
C GLY B 7 -1.15 -22.99 19.36
N TYR B 8 -1.83 -22.17 20.17
CA TYR B 8 -1.47 -22.01 21.58
C TYR B 8 -2.62 -22.52 22.47
N ASP B 9 -3.57 -23.23 21.85
CA ASP B 9 -4.79 -23.63 22.52
C ASP B 9 -4.59 -24.97 23.22
N ASP B 10 -5.67 -25.55 23.72
CA ASP B 10 -5.66 -26.87 24.35
C ASP B 10 -5.47 -27.96 23.30
N LYS B 11 -5.96 -27.72 22.07
CA LYS B 11 -5.99 -28.72 21.01
C LYS B 11 -4.67 -28.72 20.23
N ASN B 12 -3.96 -27.60 20.29
CA ASN B 12 -2.77 -27.42 19.47
C ASN B 12 -1.71 -26.68 20.28
N GLY B 13 -1.94 -26.58 21.59
CA GLY B 13 -1.08 -25.83 22.49
C GLY B 13 0.33 -26.41 22.59
N PRO B 14 1.24 -25.75 23.33
CA PRO B 14 2.66 -26.10 23.30
C PRO B 14 2.80 -27.50 23.88
N GLU B 15 1.65 -28.08 24.22
CA GLU B 15 1.64 -29.34 24.93
C GLU B 15 1.68 -30.50 23.94
N GLN B 16 1.56 -30.19 22.65
CA GLN B 16 1.40 -31.22 21.64
C GLN B 16 2.33 -30.96 20.45
N TRP B 17 3.28 -30.05 20.62
CA TRP B 17 4.09 -29.61 19.51
C TRP B 17 5.10 -30.69 19.10
N SER B 18 5.41 -31.59 20.05
CA SER B 18 6.42 -32.62 19.91
C SER B 18 5.99 -33.66 18.88
N LYS B 19 4.71 -33.59 18.47
CA LYS B 19 4.12 -34.52 17.53
C LYS B 19 4.62 -34.26 16.11
N LEU B 20 4.57 -32.98 15.69
CA LEU B 20 4.99 -32.62 14.35
C LEU B 20 6.38 -31.98 14.37
N TYR B 21 6.79 -31.49 15.55
CA TYR B 21 8.08 -30.85 15.72
C TYR B 21 8.71 -31.40 16.99
N PRO B 22 9.32 -32.61 16.92
CA PRO B 22 10.00 -33.19 18.08
C PRO B 22 11.22 -32.38 18.52
N ILE B 23 11.58 -31.34 17.74
CA ILE B 23 12.62 -30.39 18.12
C ILE B 23 12.34 -29.88 19.52
N ALA B 24 11.05 -29.93 19.92
CA ALA B 24 10.48 -29.33 21.11
C ALA B 24 11.02 -29.93 22.41
N ASN B 25 11.30 -31.24 22.43
CA ASN B 25 11.87 -31.88 23.61
C ASN B 25 13.38 -32.03 23.42
N GLY B 26 14.03 -30.91 23.09
CA GLY B 26 15.43 -30.89 22.71
C GLY B 26 16.31 -30.27 23.77
N ASN B 27 17.52 -29.90 23.37
CA ASN B 27 18.54 -29.51 24.32
C ASN B 27 18.69 -27.99 24.32
N ASN B 28 18.47 -27.39 23.14
CA ASN B 28 18.72 -25.98 22.96
C ASN B 28 17.38 -25.28 22.70
N GLN B 29 16.44 -25.46 23.65
CA GLN B 29 15.07 -24.99 23.51
C GLN B 29 14.80 -23.75 24.35
N SER B 30 13.93 -22.88 23.81
CA SER B 30 13.59 -21.59 24.40
C SER B 30 12.08 -21.49 24.50
N PRO B 31 11.53 -20.79 25.53
CA PRO B 31 12.31 -19.92 26.40
C PRO B 31 12.69 -20.64 27.69
N VAL B 32 13.50 -19.98 28.53
CA VAL B 32 14.03 -20.57 29.74
C VAL B 32 13.89 -19.59 30.90
N ASP B 33 13.99 -20.13 32.12
CA ASP B 33 14.04 -19.30 33.31
C ASP B 33 15.44 -18.68 33.42
N ILE B 34 15.50 -17.43 33.86
CA ILE B 34 16.80 -16.85 34.10
C ILE B 34 17.00 -16.74 35.61
N LYS B 35 17.81 -17.66 36.14
CA LYS B 35 18.13 -17.72 37.56
C LYS B 35 19.34 -16.85 37.85
N THR B 36 19.07 -15.59 38.20
CA THR B 36 20.09 -14.55 38.28
C THR B 36 21.27 -15.03 39.12
N SER B 37 20.99 -15.88 40.12
CA SER B 37 22.00 -16.39 41.03
C SER B 37 22.91 -17.41 40.34
N GLU B 38 22.43 -17.96 39.21
CA GLU B 38 23.02 -19.11 38.56
C GLU B 38 23.76 -18.69 37.29
N THR B 39 23.69 -17.39 36.99
CA THR B 39 24.31 -16.81 35.81
C THR B 39 25.82 -16.70 36.02
N LYS B 40 26.55 -16.67 34.92
CA LYS B 40 28.00 -16.58 34.96
C LYS B 40 28.46 -15.40 34.10
N HIS B 41 29.10 -14.41 34.73
CA HIS B 41 29.65 -13.31 33.96
C HIS B 41 30.82 -13.82 33.13
N ASP B 42 30.80 -13.46 31.84
CA ASP B 42 31.79 -13.88 30.87
C ASP B 42 32.42 -12.64 30.24
N THR B 43 33.75 -12.50 30.44
CA THR B 43 34.49 -11.27 30.17
C THR B 43 34.68 -11.02 28.69
N SER B 44 34.33 -12.02 27.86
CA SER B 44 34.45 -11.94 26.41
C SER B 44 33.17 -11.39 25.80
N LEU B 45 32.18 -11.04 26.63
CA LEU B 45 30.92 -10.51 26.14
C LEU B 45 31.05 -9.00 25.97
N LYS B 46 31.14 -8.54 24.71
CA LYS B 46 31.17 -7.12 24.40
C LYS B 46 29.80 -6.54 24.70
N PRO B 47 29.64 -5.19 24.69
CA PRO B 47 28.30 -4.59 24.73
C PRO B 47 27.54 -5.07 23.49
N ILE B 48 26.21 -5.04 23.57
CA ILE B 48 25.36 -5.15 22.39
C ILE B 48 25.27 -3.75 21.76
N SER B 49 25.20 -3.73 20.42
CA SER B 49 25.25 -2.53 19.61
C SER B 49 24.33 -2.68 18.40
N VAL B 50 23.32 -1.82 18.30
CA VAL B 50 22.37 -1.93 17.21
C VAL B 50 22.31 -0.60 16.45
N SER B 51 22.52 -0.70 15.14
CA SER B 51 22.31 0.43 14.25
C SER B 51 21.22 0.03 13.27
N TYR B 52 20.01 0.55 13.48
CA TYR B 52 18.96 0.29 12.53
C TYR B 52 18.68 1.53 11.70
N ASN B 53 18.53 1.31 10.40
CA ASN B 53 18.12 2.34 9.46
C ASN B 53 16.60 2.30 9.37
N PRO B 54 15.90 3.40 9.73
CA PRO B 54 14.44 3.39 9.84
C PRO B 54 13.78 3.10 8.49
N ALA B 55 14.62 3.11 7.45
CA ALA B 55 14.20 3.00 6.05
C ALA B 55 14.26 1.56 5.59
N THR B 56 14.58 0.63 6.50
CA THR B 56 14.46 -0.77 6.16
C THR B 56 13.11 -1.30 6.61
N ALA B 57 12.40 -0.50 7.41
CA ALA B 57 11.02 -0.82 7.75
C ALA B 57 10.24 -1.03 6.45
N LYS B 58 9.27 -1.96 6.48
CA LYS B 58 8.60 -2.31 5.25
C LYS B 58 7.14 -2.68 5.50
N GLU B 59 6.91 -3.74 6.28
CA GLU B 59 5.64 -4.44 6.18
C GLU B 59 5.23 -4.95 7.55
N ILE B 60 3.94 -4.80 7.87
CA ILE B 60 3.38 -5.48 9.03
C ILE B 60 2.37 -6.52 8.54
N ILE B 61 2.32 -7.69 9.19
CA ILE B 61 1.55 -8.81 8.68
C ILE B 61 0.94 -9.59 9.84
N ASN B 62 -0.29 -10.06 9.63
CA ASN B 62 -1.01 -10.87 10.59
C ASN B 62 -0.80 -12.35 10.23
N VAL B 63 -0.01 -13.04 11.06
CA VAL B 63 0.45 -14.37 10.74
C VAL B 63 -0.43 -15.40 11.44
N GLY B 64 -1.57 -14.92 11.96
CA GLY B 64 -2.56 -15.82 12.54
C GLY B 64 -2.37 -15.98 14.04
N HIS B 65 -1.16 -16.33 14.45
CA HIS B 65 -0.88 -16.58 15.87
C HIS B 65 -0.31 -15.32 16.49
N SER B 66 0.29 -14.47 15.64
CA SER B 66 1.05 -13.31 16.05
C SER B 66 0.86 -12.22 15.01
N PHE B 67 1.61 -11.11 15.16
CA PHE B 67 1.82 -10.19 14.05
C PHE B 67 3.30 -9.84 14.03
N HIS B 68 3.80 -9.59 12.82
CA HIS B 68 5.23 -9.42 12.58
C HIS B 68 5.47 -8.06 11.93
N VAL B 69 6.61 -7.45 12.27
CA VAL B 69 7.04 -6.26 11.55
C VAL B 69 8.32 -6.62 10.81
N ASN B 70 8.25 -6.68 9.47
CA ASN B 70 9.35 -7.15 8.65
C ASN B 70 10.13 -6.00 8.03
N PHE B 71 11.46 -6.15 8.00
CA PHE B 71 12.36 -5.15 7.46
C PHE B 71 13.06 -5.71 6.22
N GLU B 72 13.55 -4.80 5.36
CA GLU B 72 14.22 -5.18 4.13
C GLU B 72 15.53 -5.90 4.44
N ASP B 73 15.70 -7.02 3.74
CA ASP B 73 16.55 -8.12 4.13
C ASP B 73 17.91 -8.02 3.46
N ASN B 74 18.07 -7.05 2.55
CA ASN B 74 18.96 -7.22 1.41
C ASN B 74 20.36 -6.63 1.63
N ASP B 75 20.54 -5.79 2.65
CA ASP B 75 21.84 -5.19 2.89
C ASP B 75 22.03 -4.92 4.38
N ASN B 76 23.23 -4.42 4.73
CA ASN B 76 23.64 -4.28 6.12
C ASN B 76 23.46 -2.83 6.57
N ARG B 77 22.25 -2.30 6.37
CA ARG B 77 21.90 -0.97 6.85
C ARG B 77 21.39 -1.09 8.27
N SER B 78 20.87 -2.28 8.60
CA SER B 78 20.31 -2.57 9.90
C SER B 78 20.87 -3.88 10.44
N VAL B 79 21.84 -3.77 11.37
CA VAL B 79 22.60 -4.90 11.84
C VAL B 79 22.75 -4.83 13.35
N LEU B 80 23.04 -5.99 13.96
CA LEU B 80 23.33 -6.07 15.38
C LEU B 80 24.73 -6.65 15.55
N LYS B 81 25.50 -6.05 16.47
CA LYS B 81 26.91 -6.38 16.64
C LYS B 81 27.24 -6.47 18.12
N GLY B 82 28.41 -7.05 18.41
CA GLY B 82 28.96 -7.09 19.76
C GLY B 82 28.51 -8.33 20.52
N GLY B 83 28.43 -8.18 21.84
CA GLY B 83 28.00 -9.27 22.72
C GLY B 83 28.69 -10.57 22.36
N PRO B 84 27.94 -11.69 22.24
CA PRO B 84 28.55 -12.98 21.99
C PRO B 84 28.89 -13.18 20.51
N PHE B 85 28.77 -12.10 19.72
CA PHE B 85 28.90 -12.20 18.27
C PHE B 85 30.19 -11.59 17.76
N SER B 86 30.89 -12.35 16.90
CA SER B 86 32.15 -11.97 16.28
C SER B 86 31.94 -11.43 14.86
N ASP B 87 30.89 -11.93 14.18
CA ASP B 87 30.38 -11.34 12.95
C ASP B 87 29.27 -10.34 13.29
N SER B 88 28.46 -10.01 12.29
CA SER B 88 27.29 -9.17 12.48
C SER B 88 26.06 -9.92 12.03
N TYR B 89 24.90 -9.45 12.49
CA TYR B 89 23.63 -10.06 12.12
C TYR B 89 22.76 -8.98 11.49
N ARG B 90 21.84 -9.41 10.62
CA ARG B 90 21.01 -8.48 9.90
C ARG B 90 19.59 -8.53 10.44
N LEU B 91 19.04 -7.36 10.77
CA LEU B 91 17.68 -7.26 11.29
C LEU B 91 16.71 -7.65 10.19
N PHE B 92 15.65 -8.38 10.58
CA PHE B 92 14.65 -8.79 9.60
C PHE B 92 13.22 -8.64 10.14
N GLN B 93 13.09 -8.42 11.45
CA GLN B 93 11.78 -8.50 12.08
C GLN B 93 11.86 -8.22 13.57
N PHE B 94 10.79 -7.63 14.10
CA PHE B 94 10.45 -7.66 15.53
C PHE B 94 8.98 -8.02 15.70
N HIS B 95 8.68 -8.84 16.72
CA HIS B 95 7.29 -9.20 16.98
C HIS B 95 7.02 -9.12 18.49
N PHE B 96 5.81 -9.48 18.92
CA PHE B 96 5.56 -9.50 20.35
C PHE B 96 4.92 -10.82 20.74
N HIS B 97 5.10 -11.19 22.02
CA HIS B 97 4.36 -12.27 22.67
C HIS B 97 3.63 -11.74 23.88
N TRP B 98 2.48 -12.36 24.19
CA TRP B 98 1.61 -11.89 25.25
C TRP B 98 0.72 -13.05 25.71
N GLY B 99 0.08 -12.88 26.88
CA GLY B 99 -0.76 -13.93 27.43
C GLY B 99 -2.24 -13.56 27.47
N SER B 100 -3.06 -14.42 28.10
CA SER B 100 -4.51 -14.23 28.16
C SER B 100 -4.89 -13.21 29.24
N THR B 101 -4.11 -13.17 30.33
CA THR B 101 -4.26 -12.14 31.36
C THR B 101 -2.95 -11.36 31.50
N ASN B 102 -3.02 -10.19 32.14
CA ASN B 102 -1.88 -9.29 32.23
C ASN B 102 -0.81 -9.86 33.16
N GLU B 103 -1.03 -11.07 33.70
CA GLU B 103 -0.16 -11.68 34.70
C GLU B 103 1.02 -12.38 34.04
N HIS B 104 0.85 -13.66 33.63
CA HIS B 104 1.76 -14.32 32.72
C HIS B 104 1.51 -13.79 31.31
N GLY B 105 2.56 -13.68 30.49
CA GLY B 105 2.46 -13.04 29.19
C GLY B 105 3.78 -13.03 28.44
N SER B 106 4.87 -12.69 29.14
CA SER B 106 6.21 -12.84 28.61
C SER B 106 6.49 -14.32 28.35
N GLU B 107 7.57 -14.60 27.62
CA GLU B 107 7.98 -15.96 27.38
C GLU B 107 9.13 -16.33 28.32
N HIS B 108 10.11 -15.43 28.43
CA HIS B 108 11.20 -15.59 29.39
C HIS B 108 10.76 -15.14 30.78
N THR B 109 11.47 -15.63 31.81
CA THR B 109 11.17 -15.39 33.21
C THR B 109 12.46 -15.10 33.96
N VAL B 110 12.43 -14.10 34.83
CA VAL B 110 13.61 -13.80 35.63
C VAL B 110 13.30 -14.16 37.08
N ASP B 111 13.94 -15.27 37.51
CA ASP B 111 13.86 -15.79 38.87
C ASP B 111 12.46 -16.32 39.15
N GLY B 112 11.68 -16.58 38.09
CA GLY B 112 10.36 -17.15 38.24
C GLY B 112 9.25 -16.11 38.03
N VAL B 113 9.64 -14.84 37.93
CA VAL B 113 8.72 -13.77 37.62
C VAL B 113 8.37 -13.84 36.14
N LYS B 114 7.08 -13.65 35.80
CA LYS B 114 6.64 -13.65 34.42
C LYS B 114 6.07 -12.27 34.08
N TYR B 115 6.70 -11.61 33.11
CA TYR B 115 6.23 -10.29 32.72
C TYR B 115 4.98 -10.43 31.88
N SER B 116 4.39 -9.28 31.52
CA SER B 116 3.07 -9.24 30.89
C SER B 116 3.15 -9.60 29.41
N ALA B 117 4.37 -9.50 28.86
CA ALA B 117 4.60 -9.53 27.42
C ALA B 117 6.10 -9.45 27.16
N GLU B 118 6.48 -9.70 25.91
CA GLU B 118 7.87 -9.77 25.53
C GLU B 118 7.98 -9.30 24.08
N LEU B 119 9.00 -8.48 23.83
CA LEU B 119 9.34 -8.03 22.49
C LEU B 119 10.52 -8.85 21.98
N HIS B 120 10.44 -9.25 20.71
CA HIS B 120 11.48 -10.04 20.06
C HIS B 120 11.94 -9.32 18.79
N VAL B 121 13.20 -8.87 18.80
CA VAL B 121 13.81 -8.25 17.63
C VAL B 121 14.84 -9.23 17.08
N ALA B 122 14.61 -9.66 15.83
CA ALA B 122 15.20 -10.85 15.28
C ALA B 122 16.20 -10.48 14.18
N HIS B 123 17.36 -11.14 14.18
CA HIS B 123 18.37 -10.91 13.17
C HIS B 123 18.97 -12.25 12.74
N TRP B 124 19.38 -12.35 11.47
CA TRP B 124 20.06 -13.53 10.98
C TRP B 124 21.53 -13.24 10.65
N ASN B 125 22.29 -14.32 10.37
CA ASN B 125 23.75 -14.29 10.18
C ASN B 125 24.09 -14.10 8.70
N SER B 126 24.29 -12.83 8.31
CA SER B 126 24.49 -12.47 6.91
C SER B 126 25.92 -12.80 6.49
N ALA B 127 26.88 -12.49 7.37
CA ALA B 127 28.29 -12.71 7.12
C ALA B 127 28.57 -14.17 6.80
N LYS B 128 27.83 -15.09 7.44
CA LYS B 128 28.19 -16.50 7.37
C LYS B 128 27.26 -17.28 6.45
N TYR B 129 26.16 -16.69 5.96
CA TYR B 129 25.16 -17.50 5.28
C TYR B 129 24.62 -16.83 4.01
N SER B 130 23.79 -17.59 3.30
CA SER B 130 23.17 -17.19 2.04
C SER B 130 22.00 -16.23 2.29
N SER B 131 20.84 -16.80 2.62
CA SER B 131 19.64 -16.02 2.90
C SER B 131 19.09 -16.33 4.29
N LEU B 132 18.10 -15.53 4.69
CA LEU B 132 17.33 -15.76 5.89
C LEU B 132 17.04 -17.25 6.02
N ALA B 133 16.35 -17.82 5.03
CA ALA B 133 15.74 -19.14 5.17
C ALA B 133 16.79 -20.25 5.27
N GLU B 134 18.02 -19.95 4.82
CA GLU B 134 19.12 -20.92 4.92
C GLU B 134 19.67 -20.89 6.33
N ALA B 135 19.65 -19.69 6.94
CA ALA B 135 20.20 -19.43 8.26
C ALA B 135 19.27 -19.95 9.35
N ALA B 136 17.96 -19.94 9.08
CA ALA B 136 16.94 -20.14 10.09
C ALA B 136 17.00 -21.54 10.71
N SER B 137 17.99 -22.36 10.30
CA SER B 137 18.10 -23.72 10.81
C SER B 137 19.55 -24.07 11.18
N LYS B 138 20.37 -23.04 11.44
CA LYS B 138 21.78 -23.27 11.73
C LYS B 138 22.13 -22.64 13.07
N ALA B 139 22.66 -23.45 13.99
CA ALA B 139 22.98 -23.03 15.34
C ALA B 139 23.31 -21.54 15.40
N ASP B 140 24.20 -21.08 14.51
CA ASP B 140 24.69 -19.72 14.53
C ASP B 140 23.92 -18.87 13.52
N GLY B 141 22.66 -19.28 13.27
CA GLY B 141 21.85 -18.72 12.20
C GLY B 141 21.00 -17.53 12.61
N LEU B 142 20.53 -17.51 13.87
CA LEU B 142 19.72 -16.40 14.34
C LEU B 142 20.31 -15.79 15.62
N ALA B 143 19.70 -14.66 15.99
CA ALA B 143 20.05 -13.81 17.11
C ALA B 143 18.88 -12.86 17.34
N VAL B 144 18.18 -13.05 18.46
CA VAL B 144 16.99 -12.28 18.76
C VAL B 144 17.13 -11.66 20.14
N ILE B 145 16.93 -10.33 20.21
CA ILE B 145 16.85 -9.58 21.45
C ILE B 145 15.45 -9.79 22.05
N GLY B 146 15.43 -10.20 23.32
CA GLY B 146 14.20 -10.34 24.07
C GLY B 146 14.13 -9.21 25.09
N VAL B 147 13.01 -8.47 25.07
CA VAL B 147 12.84 -7.30 25.93
C VAL B 147 11.54 -7.49 26.68
N LEU B 148 11.62 -7.60 28.02
CA LEU B 148 10.47 -7.98 28.80
C LEU B 148 9.56 -6.76 28.98
N MET B 149 8.24 -6.99 29.04
CA MET B 149 7.34 -5.86 29.15
C MET B 149 6.51 -5.97 30.42
N LYS B 150 6.81 -5.09 31.38
CA LYS B 150 6.07 -4.97 32.62
C LYS B 150 4.83 -4.12 32.36
N VAL B 151 3.70 -4.55 32.92
CA VAL B 151 2.48 -3.76 32.86
C VAL B 151 2.78 -2.42 33.52
N GLY B 152 1.92 -1.41 33.29
CA GLY B 152 2.08 -0.11 33.91
C GLY B 152 1.61 1.03 33.00
N GLU B 153 2.41 2.12 32.96
CA GLU B 153 2.15 3.28 32.13
C GLU B 153 2.19 2.88 30.65
N ALA B 154 1.23 3.40 29.89
CA ALA B 154 1.20 3.19 28.45
C ALA B 154 2.55 3.57 27.83
N ASN B 155 3.15 2.61 27.12
CA ASN B 155 4.36 2.84 26.36
C ASN B 155 4.02 3.59 25.08
N PRO B 156 4.47 4.85 24.92
CA PRO B 156 4.13 5.65 23.74
C PRO B 156 4.93 5.27 22.50
N LYS B 157 5.93 4.40 22.66
CA LYS B 157 6.76 4.03 21.52
C LYS B 157 6.15 2.87 20.75
N LEU B 158 5.20 2.17 21.38
CA LEU B 158 4.37 1.16 20.74
C LEU B 158 3.31 1.81 19.83
N GLN B 159 3.11 3.13 19.92
CA GLN B 159 1.98 3.77 19.27
C GLN B 159 1.89 3.34 17.81
N LYS B 160 2.95 3.62 17.04
CA LYS B 160 2.88 3.43 15.60
C LYS B 160 2.59 1.96 15.28
N VAL B 161 3.16 1.05 16.07
CA VAL B 161 2.87 -0.37 15.94
C VAL B 161 1.38 -0.56 16.19
N LEU B 162 0.91 -0.16 17.37
CA LEU B 162 -0.45 -0.39 17.82
C LEU B 162 -1.47 0.23 16.88
N ASP B 163 -1.09 1.34 16.24
CA ASP B 163 -1.99 2.02 15.32
C ASP B 163 -2.21 1.17 14.07
N ALA B 164 -1.12 0.61 13.53
CA ALA B 164 -1.13 -0.09 12.25
C ALA B 164 -1.87 -1.42 12.37
N LEU B 165 -2.22 -1.81 13.61
CA LEU B 165 -2.90 -3.06 13.91
C LEU B 165 -4.26 -3.15 13.23
N GLN B 166 -4.99 -2.03 13.17
CA GLN B 166 -6.33 -2.02 12.62
C GLN B 166 -6.36 -2.63 11.21
N ALA B 167 -5.30 -2.36 10.41
CA ALA B 167 -5.26 -2.69 9.00
C ALA B 167 -5.01 -4.17 8.77
N ILE B 168 -4.53 -4.87 9.81
CA ILE B 168 -4.19 -6.28 9.71
C ILE B 168 -4.96 -7.08 10.76
N LYS B 169 -6.29 -7.11 10.62
CA LYS B 169 -7.18 -7.67 11.62
C LYS B 169 -7.19 -9.20 11.56
N THR B 170 -7.26 -9.72 10.33
CA THR B 170 -7.48 -11.14 10.08
C THR B 170 -6.23 -11.77 9.46
N LYS B 171 -6.04 -13.07 9.73
CA LYS B 171 -4.87 -13.81 9.29
C LYS B 171 -4.71 -13.60 7.80
N GLY B 172 -3.44 -13.39 7.40
CA GLY B 172 -3.09 -13.24 6.01
C GLY B 172 -2.98 -11.78 5.58
N LYS B 173 -3.63 -10.88 6.34
CA LYS B 173 -3.62 -9.46 6.02
C LYS B 173 -2.21 -8.90 6.24
N ARG B 174 -1.80 -7.99 5.35
CA ARG B 174 -0.48 -7.40 5.34
C ARG B 174 -0.58 -5.95 4.86
N ALA B 175 0.12 -5.05 5.55
CA ALA B 175 0.11 -3.64 5.18
C ALA B 175 1.53 -3.11 5.13
N PRO B 176 1.79 -2.05 4.32
CA PRO B 176 3.07 -1.35 4.38
C PRO B 176 3.17 -0.67 5.74
N PHE B 177 4.40 -0.68 6.27
CA PHE B 177 4.73 -0.19 7.58
C PHE B 177 6.18 0.29 7.54
N THR B 178 6.35 1.58 7.26
CA THR B 178 7.63 2.08 6.84
C THR B 178 8.13 3.05 7.89
N ASN B 179 9.42 3.39 7.77
CA ASN B 179 9.98 4.53 8.47
C ASN B 179 9.98 4.28 9.98
N PHE B 180 10.45 3.09 10.40
CA PHE B 180 10.46 2.77 11.81
C PHE B 180 11.77 2.10 12.19
N ASP B 181 12.42 2.62 13.23
CA ASP B 181 13.64 2.05 13.81
C ASP B 181 13.28 1.35 15.11
N PRO B 182 13.24 0.00 15.13
CA PRO B 182 12.75 -0.74 16.29
C PRO B 182 13.63 -0.64 17.54
N SER B 183 14.84 -0.13 17.39
CA SER B 183 15.68 0.08 18.57
C SER B 183 15.08 1.18 19.45
N THR B 184 14.01 1.83 19.00
CA THR B 184 13.32 2.81 19.82
C THR B 184 12.43 2.11 20.86
N LEU B 185 12.37 0.78 20.78
CA LEU B 185 11.55 0.01 21.70
C LEU B 185 12.42 -0.61 22.79
N LEU B 186 13.73 -0.69 22.54
CA LEU B 186 14.66 -1.29 23.49
C LEU B 186 14.73 -0.48 24.79
N PRO B 187 15.23 -1.06 25.90
CA PRO B 187 15.48 -0.29 27.14
C PRO B 187 16.63 0.69 26.97
N SER B 188 16.93 1.44 28.03
N SER B 188 16.90 1.46 28.03
CA SER B 188 18.00 2.43 28.01
CA SER B 188 17.99 2.42 28.04
C SER B 188 19.35 1.76 28.23
C SER B 188 19.33 1.72 28.17
N SER B 189 19.36 0.65 28.99
CA SER B 189 20.57 -0.11 29.25
C SER B 189 20.49 -1.47 28.56
N LEU B 190 21.50 -1.76 27.72
CA LEU B 190 21.54 -3.02 26.98
C LEU B 190 22.36 -4.08 27.71
N ASP B 191 22.52 -3.91 29.04
CA ASP B 191 22.82 -5.00 29.95
C ASP B 191 21.94 -6.18 29.58
N PHE B 192 22.56 -7.35 29.44
CA PHE B 192 21.81 -8.45 28.85
C PHE B 192 22.36 -9.81 29.29
N TRP B 193 21.50 -10.81 29.15
CA TRP B 193 21.86 -12.21 29.32
C TRP B 193 21.95 -12.82 27.93
N THR B 194 22.71 -13.91 27.80
CA THR B 194 22.74 -14.65 26.55
C THR B 194 22.86 -16.15 26.81
N TYR B 195 22.38 -16.94 25.86
CA TYR B 195 22.38 -18.38 25.95
C TYR B 195 22.00 -18.97 24.61
N PRO B 196 22.50 -20.18 24.24
CA PRO B 196 21.99 -20.90 23.06
C PRO B 196 20.55 -21.37 23.24
N GLY B 197 19.69 -21.00 22.29
CA GLY B 197 18.27 -21.29 22.39
C GLY B 197 17.67 -21.51 21.01
N SER B 198 16.35 -21.31 20.90
CA SER B 198 15.67 -21.65 19.66
C SER B 198 14.52 -20.69 19.44
N LEU B 199 13.78 -20.90 18.35
CA LEU B 199 12.51 -20.20 18.19
C LEU B 199 11.57 -20.72 19.28
N THR B 200 10.64 -19.85 19.68
CA THR B 200 9.69 -20.14 20.75
C THR B 200 8.37 -20.70 20.20
N HIS B 201 8.30 -20.85 18.88
CA HIS B 201 7.16 -21.49 18.27
C HIS B 201 7.65 -22.38 17.12
N PRO B 202 6.85 -23.38 16.65
CA PRO B 202 7.17 -24.18 15.46
C PRO B 202 7.74 -23.38 14.29
N PRO B 203 8.83 -23.82 13.62
CA PRO B 203 9.39 -25.16 13.77
C PRO B 203 10.42 -25.34 14.90
N LEU B 204 10.61 -24.29 15.71
CA LEU B 204 11.37 -24.36 16.95
C LEU B 204 12.83 -24.75 16.67
N TYR B 205 13.38 -24.26 15.54
CA TYR B 205 14.78 -24.49 15.21
C TYR B 205 15.68 -23.97 16.32
N GLU B 206 16.65 -24.80 16.70
CA GLU B 206 17.57 -24.43 17.76
C GLU B 206 18.72 -23.63 17.16
N SER B 207 18.34 -22.55 16.49
CA SER B 207 19.25 -21.78 15.65
C SER B 207 19.34 -20.34 16.15
N VAL B 208 19.05 -20.11 17.45
CA VAL B 208 18.92 -18.77 18.01
C VAL B 208 19.91 -18.57 19.16
N THR B 209 20.78 -17.58 19.00
CA THR B 209 21.56 -17.02 20.09
C THR B 209 20.76 -15.88 20.71
N TRP B 210 20.25 -16.11 21.93
CA TRP B 210 19.38 -15.17 22.62
C TRP B 210 20.17 -14.03 23.23
N ILE B 211 19.55 -12.84 23.24
CA ILE B 211 20.06 -11.67 23.92
C ILE B 211 18.89 -11.04 24.64
N ILE B 212 18.77 -11.34 25.94
CA ILE B 212 17.68 -10.89 26.78
C ILE B 212 18.18 -9.72 27.60
N CYS B 213 17.52 -8.56 27.45
CA CYS B 213 17.87 -7.39 28.21
C CYS B 213 17.54 -7.60 29.69
N LYS B 214 18.41 -7.08 30.56
CA LYS B 214 18.16 -6.99 31.99
C LYS B 214 17.03 -6.00 32.25
N GLU B 215 17.14 -4.81 31.66
CA GLU B 215 16.14 -3.78 31.85
CA GLU B 215 16.14 -3.77 31.84
C GLU B 215 14.91 -4.12 31.00
N SER B 216 13.72 -3.80 31.55
CA SER B 216 12.44 -4.08 30.93
C SER B 216 11.80 -2.78 30.45
N ILE B 217 10.76 -2.92 29.63
CA ILE B 217 9.98 -1.80 29.14
C ILE B 217 8.54 -1.93 29.64
N SER B 218 7.76 -0.86 29.45
N SER B 218 7.75 -0.86 29.53
CA SER B 218 6.40 -0.75 29.97
CA SER B 218 6.40 -0.93 30.04
C SER B 218 5.37 -1.01 28.87
C SER B 218 5.39 -1.00 28.91
N VAL B 219 4.21 -1.52 29.27
CA VAL B 219 3.05 -1.59 28.40
C VAL B 219 1.81 -1.35 29.27
N SER B 220 0.82 -0.60 28.74
CA SER B 220 -0.45 -0.41 29.41
C SER B 220 -1.33 -1.63 29.19
N SER B 221 -2.24 -1.89 30.14
N SER B 221 -2.23 -1.89 30.14
CA SER B 221 -3.18 -2.99 29.99
CA SER B 221 -3.20 -2.96 30.02
C SER B 221 -4.08 -2.78 28.77
C SER B 221 -4.04 -2.77 28.75
N GLU B 222 -4.25 -1.50 28.37
CA GLU B 222 -5.09 -1.14 27.24
C GLU B 222 -4.38 -1.51 25.93
N GLN B 223 -3.08 -1.21 25.89
CA GLN B 223 -2.21 -1.59 24.79
C GLN B 223 -2.17 -3.11 24.67
N LEU B 224 -1.95 -3.81 25.78
CA LEU B 224 -1.99 -5.26 25.71
C LEU B 224 -3.33 -5.71 25.15
N ALA B 225 -4.40 -4.98 25.50
CA ALA B 225 -5.75 -5.33 25.07
C ALA B 225 -5.91 -5.09 23.57
N GLN B 226 -4.98 -4.34 22.97
CA GLN B 226 -5.03 -4.14 21.52
C GLN B 226 -4.38 -5.33 20.82
N PHE B 227 -3.37 -5.92 21.47
CA PHE B 227 -2.76 -7.12 20.91
C PHE B 227 -3.82 -8.20 20.84
N ARG B 228 -4.58 -8.35 21.93
N ARG B 228 -4.58 -8.35 21.93
CA ARG B 228 -5.52 -9.43 22.13
CA ARG B 228 -5.52 -9.43 22.13
C ARG B 228 -6.73 -9.29 21.21
C ARG B 228 -6.74 -9.27 21.23
N SER B 229 -6.87 -8.12 20.57
CA SER B 229 -8.04 -7.87 19.75
C SER B 229 -7.73 -8.23 18.29
N LEU B 230 -6.49 -8.67 18.06
CA LEU B 230 -6.11 -9.17 16.76
C LEU B 230 -6.81 -10.50 16.52
N LEU B 231 -7.32 -10.67 15.29
CA LEU B 231 -8.12 -11.84 14.97
C LEU B 231 -7.25 -12.88 14.28
N SER B 232 -7.29 -14.11 14.78
CA SER B 232 -6.44 -15.18 14.25
C SER B 232 -7.02 -15.74 12.95
N ASN B 233 -8.33 -15.54 12.74
CA ASN B 233 -9.07 -16.14 11.64
C ASN B 233 -8.83 -15.39 10.34
N VAL B 234 -9.06 -16.08 9.23
CA VAL B 234 -9.09 -15.49 7.91
C VAL B 234 -10.31 -14.59 7.83
N GLU B 235 -10.25 -13.62 6.91
CA GLU B 235 -11.28 -12.60 6.76
C GLU B 235 -12.61 -13.28 6.45
N GLY B 236 -13.65 -12.91 7.20
CA GLY B 236 -15.00 -13.38 6.90
C GLY B 236 -15.36 -14.63 7.70
N ASP B 237 -14.41 -15.11 8.52
CA ASP B 237 -14.66 -16.23 9.42
C ASP B 237 -15.11 -15.69 10.76
N ASN B 238 -15.69 -16.59 11.58
CA ASN B 238 -16.19 -16.17 12.88
C ASN B 238 -15.00 -15.75 13.74
N ALA B 239 -15.01 -14.47 14.12
CA ALA B 239 -13.88 -13.81 14.77
C ALA B 239 -13.38 -14.63 15.95
N VAL B 240 -12.12 -15.05 15.85
CA VAL B 240 -11.44 -15.69 16.98
C VAL B 240 -10.29 -14.79 17.38
N PRO B 241 -10.31 -14.23 18.62
CA PRO B 241 -9.24 -13.33 19.09
C PRO B 241 -7.88 -14.03 19.17
N MET B 242 -6.83 -13.22 19.19
CA MET B 242 -5.49 -13.67 19.48
C MET B 242 -5.21 -13.42 20.96
N GLN B 243 -5.69 -14.35 21.79
CA GLN B 243 -5.61 -14.24 23.24
C GLN B 243 -4.15 -14.25 23.67
N HIS B 244 -3.37 -15.21 23.17
CA HIS B 244 -2.06 -15.50 23.72
C HIS B 244 -1.19 -16.23 22.69
N ASN B 245 0.12 -16.12 22.89
CA ASN B 245 1.07 -16.70 21.96
C ASN B 245 2.41 -16.85 22.66
N ASN B 246 2.39 -17.21 23.95
CA ASN B 246 3.62 -17.35 24.70
C ASN B 246 3.79 -18.79 25.20
N ARG B 247 5.00 -19.35 25.03
CA ARG B 247 5.30 -20.74 25.37
C ARG B 247 5.81 -20.84 26.80
N PRO B 248 5.30 -21.79 27.62
CA PRO B 248 5.85 -22.06 28.95
C PRO B 248 7.36 -22.30 28.87
N THR B 249 8.09 -22.06 29.98
CA THR B 249 9.55 -22.14 29.93
C THR B 249 10.01 -23.59 29.86
N GLN B 250 11.28 -23.76 29.48
CA GLN B 250 11.83 -25.05 29.10
C GLN B 250 13.11 -25.32 29.91
N PRO B 251 13.47 -26.59 30.18
CA PRO B 251 14.71 -26.94 30.87
C PRO B 251 16.01 -26.44 30.22
N LEU B 252 17.00 -26.13 31.06
CA LEU B 252 18.32 -25.71 30.61
C LEU B 252 19.06 -26.88 29.95
N LYS B 253 19.23 -27.97 30.71
CA LYS B 253 19.94 -29.16 30.25
C LYS B 253 21.42 -28.84 30.06
N GLY B 254 22.05 -28.27 31.09
CA GLY B 254 23.49 -28.08 31.08
C GLY B 254 23.93 -26.82 30.33
N ARG B 255 22.97 -26.04 29.83
CA ARG B 255 23.30 -24.78 29.20
C ARG B 255 23.54 -23.74 30.30
N THR B 256 24.44 -22.80 30.04
CA THR B 256 24.66 -21.72 30.98
C THR B 256 24.10 -20.41 30.40
N VAL B 257 23.49 -19.61 31.28
CA VAL B 257 23.05 -18.27 30.92
C VAL B 257 24.14 -17.29 31.38
N ARG B 258 24.67 -16.51 30.43
CA ARG B 258 25.84 -15.67 30.65
C ARG B 258 25.44 -14.19 30.66
N ALA B 259 26.15 -13.39 31.46
CA ALA B 259 25.77 -12.02 31.73
C ALA B 259 26.85 -11.07 31.25
N SER B 260 26.43 -9.97 30.60
CA SER B 260 27.34 -8.95 30.10
C SER B 260 27.70 -7.96 31.22
N PHE B 261 26.85 -7.93 32.25
CA PHE B 261 26.97 -7.07 33.40
C PHE B 261 27.28 -7.91 34.66
#